data_3T7B
#
_entry.id   3T7B
#
_cell.length_a   126.456
_cell.length_b   134.688
_cell.length_c   98.020
_cell.angle_alpha   90.00
_cell.angle_beta   90.00
_cell.angle_gamma   90.00
#
_symmetry.space_group_name_H-M   'C 2 2 21'
#
loop_
_entity.id
_entity.type
_entity.pdbx_description
1 polymer 'Acetylglutamate kinase'
2 non-polymer 'GLUTAMIC ACID'
3 non-polymer 'S,R MESO-TARTARIC ACID'
4 water water
#
_entity_poly.entity_id   1
_entity_poly.type   'polypeptide(L)'
_entity_poly.pdbx_seq_one_letter_code
;SNA(MSE)NPLVIKLGGVLLDSEEALERLFTALVTYREKHERPLVI(MSE)HGGGCLVDEL(MSE)KRLALPVVKKNGLR
VTPADQIDIITGALAGTANKTLLAWAVKHQINAVGLCLADGNTVTVTLLDAELGHVGKAQPGSAALVQTLLAAGY(MSE)
PIISSIGITVEGQL(MSE)NVNADQAATALAATLGADLILLSDVSGILDGKGQRIAE(MSE)TAQKAEQLIAQGIITDG
(MSE)VVKVNAALDAARSLGRPVDIASWRHSEQLPALFNGVPIGTRISV
;
_entity_poly.pdbx_strand_id   A,B
#
# COMPACT_ATOMS: atom_id res chain seq x y z
N ALA A 3 -17.36 5.78 24.99
CA ALA A 3 -16.27 5.04 24.27
C ALA A 3 -15.24 5.99 23.69
N ASN A 5 -10.99 5.92 23.42
CA ASN A 5 -10.07 4.76 23.25
C ASN A 5 -10.26 4.02 21.92
N PRO A 6 -9.13 3.73 21.24
CA PRO A 6 -9.21 3.28 19.84
C PRO A 6 -10.02 2.02 19.61
N LEU A 7 -10.49 1.83 18.38
CA LEU A 7 -11.26 0.64 17.98
C LEU A 7 -10.70 0.10 16.67
N VAL A 8 -10.39 -1.19 16.65
CA VAL A 8 -10.02 -1.87 15.42
C VAL A 8 -11.28 -2.56 14.90
N ILE A 9 -11.65 -2.25 13.66
CA ILE A 9 -12.76 -2.92 12.96
C ILE A 9 -12.16 -3.83 11.90
N LYS A 10 -12.30 -5.14 12.06
CA LYS A 10 -11.68 -6.11 11.16
C LYS A 10 -12.76 -6.58 10.23
N LEU A 11 -12.49 -6.52 8.93
CA LEU A 11 -13.52 -6.81 7.93
C LEU A 11 -13.30 -8.20 7.39
N GLY A 12 -14.38 -8.98 7.35
CA GLY A 12 -14.31 -10.36 6.90
C GLY A 12 -14.41 -10.49 5.40
N GLY A 13 -13.92 -11.62 4.90
CA GLY A 13 -13.91 -11.89 3.47
C GLY A 13 -15.21 -11.54 2.78
N VAL A 14 -16.31 -12.11 3.23
CA VAL A 14 -17.59 -11.94 2.53
C VAL A 14 -18.02 -10.46 2.49
N LEU A 15 -17.57 -9.69 3.49
CA LEU A 15 -17.80 -8.25 3.50
C LEU A 15 -17.08 -7.55 2.34
N LEU A 16 -15.80 -7.85 2.13
CA LEU A 16 -15.06 -7.26 1.03
C LEU A 16 -15.61 -7.66 -0.34
N ASP A 17 -16.25 -8.83 -0.43
CA ASP A 17 -16.75 -9.33 -1.71
C ASP A 17 -18.05 -8.66 -2.13
N SER A 18 -18.52 -7.70 -1.33
CA SER A 18 -19.90 -7.21 -1.43
C SER A 18 -20.00 -5.68 -1.42
N GLU A 19 -20.15 -5.13 -2.61
CA GLU A 19 -20.43 -3.71 -2.82
C GLU A 19 -21.56 -3.19 -1.91
N GLU A 20 -22.61 -3.97 -1.78
CA GLU A 20 -23.70 -3.73 -0.84
C GLU A 20 -23.19 -3.46 0.60
N ALA A 21 -22.51 -4.45 1.16
CA ALA A 21 -21.88 -4.39 2.50
C ALA A 21 -20.93 -3.21 2.72
N LEU A 22 -20.05 -2.95 1.74
CA LEU A 22 -19.11 -1.84 1.84
C LEU A 22 -19.82 -0.48 1.88
N GLU A 23 -20.83 -0.30 1.04
CA GLU A 23 -21.57 0.95 1.06
C GLU A 23 -22.16 1.16 2.45
N ARG A 24 -22.73 0.09 3.01
CA ARG A 24 -23.34 0.15 4.35
C ARG A 24 -22.28 0.42 5.43
N LEU A 25 -21.17 -0.30 5.38
CA LEU A 25 -20.09 -0.11 6.35
C LEU A 25 -19.58 1.34 6.33
N PHE A 26 -19.34 1.85 5.12
CA PHE A 26 -18.76 3.18 4.96
C PHE A 26 -19.71 4.30 5.31
N THR A 27 -20.99 4.14 4.95
CA THR A 27 -22.04 5.04 5.45
C THR A 27 -22.08 5.04 7.01
N ALA A 28 -21.92 3.86 7.60
CA ALA A 28 -21.95 3.70 9.04
C ALA A 28 -20.78 4.42 9.70
N LEU A 29 -19.61 4.30 9.09
CA LEU A 29 -18.44 5.06 9.54
C LEU A 29 -18.69 6.56 9.51
N VAL A 30 -19.33 7.06 8.44
CA VAL A 30 -19.65 8.48 8.32
C VAL A 30 -20.64 8.92 9.41
N THR A 31 -21.73 8.18 9.56
CA THR A 31 -22.77 8.52 10.54
C THR A 31 -22.17 8.52 11.95
N TYR A 32 -21.27 7.58 12.22
CA TYR A 32 -20.63 7.50 13.52
C TYR A 32 -19.76 8.74 13.78
N ARG A 33 -18.98 9.12 12.77
CA ARG A 33 -18.00 10.20 12.91
C ARG A 33 -18.65 11.55 13.17
N GLU A 34 -19.83 11.77 12.61
CA GLU A 34 -20.56 13.01 12.84
C GLU A 34 -20.87 13.21 14.33
N LYS A 35 -21.16 12.12 15.04
CA LYS A 35 -21.57 12.18 16.45
C LYS A 35 -20.38 11.99 17.38
N HIS A 36 -19.51 11.03 17.05
CA HIS A 36 -18.41 10.65 17.92
C HIS A 36 -17.06 10.73 17.22
N GLU A 37 -16.00 10.66 18.02
CA GLU A 37 -14.65 11.12 17.65
C GLU A 37 -13.59 10.16 18.21
N ARG A 38 -13.98 8.90 18.29
CA ARG A 38 -13.13 7.84 18.76
C ARG A 38 -12.15 7.46 17.65
N PRO A 39 -10.85 7.24 17.99
CA PRO A 39 -9.93 6.77 16.95
C PRO A 39 -10.35 5.43 16.33
N LEU A 40 -10.47 5.39 15.01
CA LEU A 40 -10.89 4.21 14.29
C LEU A 40 -9.75 3.70 13.39
N VAL A 41 -9.55 2.38 13.40
CA VAL A 41 -8.59 1.74 12.53
C VAL A 41 -9.31 0.56 11.85
N ILE A 42 -9.20 0.47 10.52
CA ILE A 42 -9.70 -0.69 9.80
C ILE A 42 -8.55 -1.66 9.59
N HIS A 44 -7.91 -5.54 7.51
CA HIS A 44 -8.57 -6.52 6.61
C HIS A 44 -7.67 -7.61 6.08
N GLY A 45 -8.28 -8.74 5.75
CA GLY A 45 -7.64 -9.75 4.92
C GLY A 45 -8.06 -9.58 3.47
N GLY A 46 -8.29 -10.69 2.78
CA GLY A 46 -8.78 -10.64 1.42
C GLY A 46 -9.84 -11.68 1.21
N GLY A 47 -10.99 -11.28 0.67
CA GLY A 47 -12.03 -12.24 0.31
C GLY A 47 -11.76 -13.12 -0.90
N CYS A 48 -12.79 -13.24 -1.74
CA CYS A 48 -12.72 -13.96 -3.02
C CYS A 48 -11.76 -13.34 -4.04
N LEU A 49 -11.45 -12.05 -3.89
CA LEU A 49 -10.42 -11.38 -4.72
C LEU A 49 -9.18 -12.22 -4.76
N VAL A 50 -8.76 -12.73 -3.60
CA VAL A 50 -7.56 -13.55 -3.57
C VAL A 50 -7.82 -14.91 -4.18
N ASP A 51 -8.87 -15.56 -3.71
CA ASP A 51 -9.13 -16.94 -4.08
C ASP A 51 -9.42 -17.06 -5.57
N GLU A 52 -10.17 -16.10 -6.11
CA GLU A 52 -10.48 -16.13 -7.53
C GLU A 52 -9.22 -15.87 -8.37
N LEU A 53 -8.36 -14.95 -7.94
CA LEU A 53 -7.15 -14.70 -8.70
C LEU A 53 -6.27 -15.96 -8.74
N LYS A 55 -7.15 -19.10 -8.44
CA LYS A 55 -7.76 -20.04 -9.36
C LYS A 55 -7.38 -19.70 -10.81
N ARG A 56 -7.44 -18.42 -11.17
CA ARG A 56 -7.05 -17.99 -12.51
C ARG A 56 -5.61 -18.36 -12.84
N LEU A 57 -4.76 -18.42 -11.82
CA LEU A 57 -3.35 -18.65 -12.02
C LEU A 57 -2.96 -20.07 -11.69
N ALA A 58 -3.95 -20.97 -11.56
CA ALA A 58 -3.69 -22.39 -11.23
C ALA A 58 -2.82 -22.57 -9.99
N LEU A 59 -3.02 -21.71 -8.99
CA LEU A 59 -2.26 -21.82 -7.75
C LEU A 59 -3.12 -22.52 -6.72
N PRO A 60 -2.70 -23.70 -6.26
CA PRO A 60 -3.50 -24.51 -5.35
C PRO A 60 -3.63 -23.95 -3.95
N VAL A 61 -4.69 -24.37 -3.26
CA VAL A 61 -4.86 -24.11 -1.83
C VAL A 61 -4.31 -25.34 -1.14
N VAL A 62 -3.02 -25.32 -0.88
CA VAL A 62 -2.30 -26.42 -0.30
C VAL A 62 -2.65 -26.44 1.18
N LYS A 63 -2.34 -27.55 1.86
CA LYS A 63 -2.63 -27.69 3.28
C LYS A 63 -1.81 -28.86 3.86
N LYS A 64 -0.91 -28.59 4.82
CA LYS A 64 -0.13 -29.65 5.50
C LYS A 64 -0.77 -29.93 6.87
N ASN A 65 -1.24 -31.18 7.06
CA ASN A 65 -2.26 -31.56 8.04
C ASN A 65 -2.95 -30.42 8.83
N GLY A 66 -3.81 -29.67 8.13
CA GLY A 66 -4.48 -28.50 8.70
C GLY A 66 -3.92 -27.18 8.17
N LEU A 67 -4.82 -26.20 8.02
CA LEU A 67 -4.47 -24.78 7.84
C LEU A 67 -3.46 -24.47 6.68
N ARG A 68 -3.64 -23.29 6.07
CA ARG A 68 -3.13 -23.04 4.72
C ARG A 68 -1.60 -22.94 4.58
N VAL A 69 -1.11 -23.24 3.38
CA VAL A 69 0.29 -23.10 3.06
C VAL A 69 0.36 -22.00 2.02
N THR A 70 1.33 -21.11 2.18
CA THR A 70 1.61 -20.04 1.23
C THR A 70 3.02 -20.26 0.65
N PRO A 71 3.13 -21.03 -0.45
CA PRO A 71 4.42 -21.29 -1.11
C PRO A 71 5.12 -20.06 -1.65
N ALA A 72 6.44 -20.17 -1.80
CA ALA A 72 7.25 -19.15 -2.46
C ALA A 72 6.57 -18.60 -3.72
N ASP A 73 5.97 -19.46 -4.54
CA ASP A 73 5.38 -19.03 -5.82
C ASP A 73 4.01 -18.41 -5.67
N GLN A 74 3.52 -18.27 -4.45
CA GLN A 74 2.24 -17.59 -4.23
C GLN A 74 2.32 -16.23 -3.52
N ILE A 75 3.35 -15.98 -2.71
CA ILE A 75 3.31 -14.86 -1.76
C ILE A 75 3.27 -13.49 -2.45
N ASP A 76 3.96 -13.34 -3.57
CA ASP A 76 3.90 -12.08 -4.35
C ASP A 76 2.50 -11.82 -4.86
N ILE A 77 1.86 -12.84 -5.44
CA ILE A 77 0.56 -12.66 -6.04
C ILE A 77 -0.43 -12.31 -4.94
N ILE A 78 -0.35 -13.05 -3.83
CA ILE A 78 -1.21 -12.78 -2.69
C ILE A 78 -0.93 -11.40 -2.14
N THR A 79 0.33 -11.03 -2.02
CA THR A 79 0.63 -9.69 -1.53
C THR A 79 -0.10 -8.66 -2.40
N GLY A 80 -0.09 -8.93 -3.70
CA GLY A 80 -0.72 -8.06 -4.66
C GLY A 80 -2.20 -7.91 -4.41
N ALA A 81 -2.90 -9.05 -4.33
CA ALA A 81 -4.36 -9.01 -4.19
C ALA A 81 -4.75 -8.38 -2.85
N LEU A 82 -3.91 -8.62 -1.84
CA LEU A 82 -4.28 -8.37 -0.46
C LEU A 82 -3.78 -6.99 -0.05
N ALA A 83 -2.46 -6.78 0.00
CA ALA A 83 -1.93 -5.48 0.33
C ALA A 83 -2.19 -4.49 -0.80
N GLY A 84 -2.40 -4.97 -2.02
CA GLY A 84 -2.68 -4.08 -3.12
C GLY A 84 -4.17 -3.84 -3.39
N THR A 85 -4.77 -4.75 -4.14
CA THR A 85 -6.14 -4.59 -4.59
C THR A 85 -7.15 -4.37 -3.47
N ALA A 86 -7.08 -5.20 -2.43
CA ALA A 86 -8.05 -5.12 -1.34
C ALA A 86 -7.84 -3.82 -0.55
N ASN A 87 -6.60 -3.54 -0.18
CA ASN A 87 -6.28 -2.31 0.54
C ASN A 87 -6.72 -1.03 -0.22
N LYS A 88 -6.37 -0.94 -1.50
CA LYS A 88 -6.69 0.24 -2.27
C LYS A 88 -8.17 0.31 -2.66
N THR A 89 -8.85 -0.83 -2.74
CA THR A 89 -10.27 -0.81 -2.89
C THR A 89 -10.92 -0.13 -1.67
N LEU A 90 -10.50 -0.53 -0.47
CA LEU A 90 -11.06 0.07 0.74
C LEU A 90 -10.70 1.56 0.82
N LEU A 91 -9.48 1.90 0.42
CA LEU A 91 -9.10 3.32 0.29
C LEU A 91 -10.05 4.09 -0.64
N ALA A 92 -10.37 3.52 -1.78
CA ALA A 92 -11.29 4.14 -2.75
C ALA A 92 -12.65 4.38 -2.10
N TRP A 93 -13.11 3.42 -1.30
CA TRP A 93 -14.34 3.61 -0.54
C TRP A 93 -14.19 4.77 0.46
N ALA A 94 -13.07 4.87 1.15
CA ALA A 94 -12.89 5.98 2.08
C ALA A 94 -12.93 7.30 1.30
N VAL A 95 -12.20 7.37 0.18
CA VAL A 95 -12.16 8.62 -0.61
C VAL A 95 -13.57 9.02 -1.06
N LYS A 96 -14.33 8.03 -1.54
CA LYS A 96 -15.71 8.20 -2.02
C LYS A 96 -16.62 8.79 -0.93
N HIS A 97 -16.33 8.47 0.34
CA HIS A 97 -17.07 8.97 1.51
C HIS A 97 -16.33 10.09 2.28
N GLN A 98 -15.36 10.72 1.63
CA GLN A 98 -14.60 11.87 2.18
C GLN A 98 -13.99 11.61 3.52
N ILE A 99 -13.51 10.41 3.74
CA ILE A 99 -12.79 10.07 4.94
C ILE A 99 -11.33 10.08 4.58
N ASN A 100 -10.57 10.95 5.23
CA ASN A 100 -9.13 10.97 5.16
C ASN A 100 -8.59 9.64 5.67
N ALA A 101 -8.06 8.82 4.78
CA ALA A 101 -7.61 7.50 5.15
C ALA A 101 -6.21 7.28 4.60
N VAL A 102 -5.45 6.41 5.26
CA VAL A 102 -4.12 6.01 4.82
C VAL A 102 -4.03 4.49 4.80
N GLY A 103 -3.65 3.91 3.66
CA GLY A 103 -3.46 2.47 3.57
C GLY A 103 -2.12 2.06 4.15
N LEU A 104 -2.10 1.00 4.95
CA LEU A 104 -0.84 0.46 5.47
C LEU A 104 -0.88 -1.05 5.44
N CYS A 105 0.26 -1.66 5.63
CA CYS A 105 0.33 -3.10 5.93
C CYS A 105 0.96 -3.22 7.31
N LEU A 106 1.00 -4.42 7.83
CA LEU A 106 1.53 -4.71 9.16
C LEU A 106 2.96 -4.21 9.31
N ALA A 107 3.78 -4.31 8.25
CA ALA A 107 5.21 -3.97 8.38
C ALA A 107 5.44 -2.47 8.53
N ASP A 108 4.54 -1.64 8.00
CA ASP A 108 4.68 -0.18 8.14
C ASP A 108 4.84 0.24 9.60
N GLY A 109 5.97 0.82 9.91
CA GLY A 109 6.27 1.28 11.28
C GLY A 109 6.37 0.14 12.26
N ASN A 110 6.58 -1.07 11.73
CA ASN A 110 6.63 -2.27 12.56
C ASN A 110 5.43 -2.27 13.51
N THR A 111 4.24 -2.04 12.95
CA THR A 111 3.00 -1.94 13.73
C THR A 111 2.64 -3.28 14.37
N VAL A 112 2.67 -4.32 13.54
CA VAL A 112 2.53 -5.69 14.00
C VAL A 112 3.75 -6.46 13.48
N THR A 113 4.56 -6.94 14.43
CA THR A 113 5.74 -7.72 14.12
C THR A 113 5.33 -9.09 13.63
N VAL A 114 6.05 -9.62 12.64
CA VAL A 114 5.70 -10.93 12.10
C VAL A 114 6.90 -11.87 12.04
N THR A 115 6.79 -13.09 12.54
CA THR A 115 7.89 -14.07 12.39
C THR A 115 7.39 -15.26 11.59
N LEU A 116 8.30 -16.14 11.18
CA LEU A 116 7.92 -17.37 10.45
C LEU A 116 7.16 -18.30 11.37
N LEU A 117 5.91 -18.59 11.03
CA LEU A 117 5.07 -19.45 11.87
C LEU A 117 5.68 -20.82 11.86
N ASP A 118 5.97 -21.33 10.67
CA ASP A 118 6.40 -22.72 10.49
C ASP A 118 6.99 -22.95 9.11
N ALA A 119 8.23 -23.43 9.03
CA ALA A 119 8.92 -23.67 7.74
C ALA A 119 8.03 -24.39 6.73
N GLU A 120 7.26 -25.36 7.20
CA GLU A 120 6.42 -26.17 6.31
C GLU A 120 5.15 -25.51 5.79
N LEU A 121 4.73 -24.39 6.36
CA LEU A 121 3.63 -23.65 5.78
C LEU A 121 4.10 -22.59 4.79
N GLY A 122 5.41 -22.47 4.61
CA GLY A 122 5.97 -21.45 3.73
C GLY A 122 5.85 -20.04 4.29
N HIS A 123 5.36 -19.12 3.47
CA HIS A 123 5.34 -17.69 3.80
C HIS A 123 4.09 -17.29 4.59
N VAL A 124 3.85 -17.99 5.70
CA VAL A 124 2.79 -17.62 6.66
C VAL A 124 3.41 -17.02 7.90
N GLY A 125 2.91 -15.86 8.30
CA GLY A 125 3.43 -15.18 9.47
C GLY A 125 2.61 -15.36 10.73
N LYS A 126 3.32 -15.47 11.85
CA LYS A 126 2.77 -15.38 13.20
C LYS A 126 2.81 -13.92 13.63
N ALA A 127 1.64 -13.36 13.91
CA ALA A 127 1.52 -11.97 14.35
C ALA A 127 1.87 -11.83 15.83
N GLN A 128 2.41 -10.68 16.22
CA GLN A 128 2.62 -10.32 17.62
C GLN A 128 2.70 -8.80 17.74
N PRO A 129 2.32 -8.26 18.88
CA PRO A 129 2.26 -6.81 19.00
C PRO A 129 3.57 -6.16 18.66
N GLY A 130 3.51 -5.03 17.95
CA GLY A 130 4.67 -4.27 17.52
C GLY A 130 4.68 -2.89 18.19
N SER A 131 4.94 -1.86 17.38
CA SER A 131 5.07 -0.48 17.82
C SER A 131 3.84 0.33 17.41
N ALA A 132 3.31 1.09 18.35
CA ALA A 132 2.09 1.85 18.13
C ALA A 132 2.37 3.20 17.48
N ALA A 133 3.63 3.66 17.55
CA ALA A 133 3.99 5.05 17.16
C ALA A 133 3.39 5.47 15.84
N LEU A 134 3.64 4.72 14.76
CA LEU A 134 3.19 5.17 13.45
C LEU A 134 1.69 5.40 13.46
N VAL A 135 0.92 4.43 13.93
CA VAL A 135 -0.52 4.55 13.92
C VAL A 135 -0.99 5.68 14.80
N GLN A 136 -0.32 5.88 15.93
CA GLN A 136 -0.72 6.92 16.86
C GLN A 136 -0.52 8.27 16.22
N THR A 137 0.62 8.44 15.56
CA THR A 137 0.92 9.64 14.80
C THR A 137 -0.17 9.94 13.78
N LEU A 138 -0.53 8.95 12.96
CA LEU A 138 -1.58 9.12 11.92
C LEU A 138 -2.97 9.47 12.51
N LEU A 139 -3.30 8.80 13.61
CA LEU A 139 -4.57 9.03 14.27
C LEU A 139 -4.60 10.45 14.79
N ALA A 140 -3.52 10.86 15.46
CA ALA A 140 -3.42 12.21 16.04
C ALA A 140 -3.45 13.28 14.94
N ALA A 141 -3.02 12.93 13.73
CA ALA A 141 -3.06 13.86 12.61
C ALA A 141 -4.40 13.85 11.88
N GLY A 142 -5.35 13.03 12.35
CA GLY A 142 -6.69 12.92 11.75
C GLY A 142 -6.89 11.88 10.64
N TYR A 143 -5.95 10.97 10.44
CA TYR A 143 -6.12 9.94 9.39
C TYR A 143 -6.77 8.66 9.97
N PRO A 145 -6.31 4.87 9.48
CA PRO A 145 -5.53 3.84 8.81
C PRO A 145 -6.38 2.65 8.37
N ILE A 146 -6.09 2.11 7.21
CA ILE A 146 -6.75 0.92 6.69
C ILE A 146 -5.59 -0.03 6.47
N ILE A 147 -5.51 -1.07 7.31
CA ILE A 147 -4.32 -1.93 7.39
C ILE A 147 -4.62 -3.34 6.85
N SER A 148 -3.77 -3.81 5.94
CA SER A 148 -3.86 -5.17 5.38
C SER A 148 -3.05 -6.16 6.18
N SER A 149 -3.39 -7.44 6.03
CA SER A 149 -2.82 -8.49 6.83
C SER A 149 -1.59 -9.14 6.17
N ILE A 150 -0.79 -8.35 5.47
CA ILE A 150 0.52 -8.74 4.98
C ILE A 150 1.59 -8.08 5.85
N GLY A 151 2.57 -8.88 6.31
CA GLY A 151 3.70 -8.35 7.10
C GLY A 151 5.02 -8.66 6.44
N ILE A 152 6.11 -8.23 7.06
CA ILE A 152 7.43 -8.51 6.54
C ILE A 152 8.29 -8.94 7.68
N THR A 153 9.05 -10.04 7.53
CA THR A 153 9.89 -10.46 8.62
C THR A 153 11.02 -9.47 8.69
N VAL A 154 11.73 -9.51 9.81
CA VAL A 154 12.83 -8.59 10.09
C VAL A 154 13.94 -8.83 9.06
N GLU A 155 13.99 -10.01 8.45
CA GLU A 155 15.00 -10.32 7.43
C GLU A 155 14.52 -10.04 6.00
N GLY A 156 13.30 -9.50 5.87
CA GLY A 156 12.88 -8.95 4.63
C GLY A 156 11.99 -9.82 3.80
N GLN A 157 11.32 -10.80 4.42
CA GLN A 157 10.46 -11.74 3.69
C GLN A 157 9.00 -11.42 3.88
N LEU A 158 8.25 -11.37 2.80
CA LEU A 158 6.82 -11.09 2.86
C LEU A 158 6.08 -12.25 3.52
N ASN A 160 2.12 -13.82 4.68
CA ASN A 160 0.67 -13.83 4.67
C ASN A 160 0.27 -14.17 6.10
N VAL A 161 -0.53 -13.32 6.72
CA VAL A 161 -0.90 -13.50 8.11
C VAL A 161 -2.41 -13.62 8.28
N ASN A 162 -2.86 -14.62 9.02
CA ASN A 162 -4.28 -14.66 9.41
C ASN A 162 -4.74 -13.28 9.93
N ALA A 163 -5.78 -12.74 9.26
CA ALA A 163 -6.26 -11.38 9.48
C ALA A 163 -6.86 -11.20 10.88
N ASP A 164 -7.52 -12.24 11.34
CA ASP A 164 -8.02 -12.25 12.72
C ASP A 164 -6.92 -12.13 13.73
N GLN A 165 -5.87 -12.91 13.53
CA GLN A 165 -4.72 -12.86 14.45
C GLN A 165 -4.00 -11.52 14.31
N ALA A 166 -3.89 -11.02 13.08
CA ALA A 166 -3.32 -9.72 12.85
C ALA A 166 -4.12 -8.66 13.58
N ALA A 167 -5.45 -8.72 13.47
CA ALA A 167 -6.32 -7.75 14.16
C ALA A 167 -6.09 -7.78 15.66
N THR A 168 -5.98 -9.00 16.22
CA THR A 168 -5.70 -9.17 17.64
C THR A 168 -4.35 -8.57 18.02
N ALA A 169 -3.32 -8.79 17.21
CA ALA A 169 -2.01 -8.24 17.56
C ALA A 169 -2.04 -6.73 17.47
N LEU A 170 -2.83 -6.21 16.55
CA LEU A 170 -2.99 -4.76 16.36
C LEU A 170 -3.71 -4.14 17.55
N ALA A 171 -4.81 -4.75 17.99
CA ALA A 171 -5.59 -4.16 19.02
C ALA A 171 -4.77 -4.15 20.29
N ALA A 172 -3.97 -5.20 20.51
CA ALA A 172 -3.09 -5.22 21.68
C ALA A 172 -2.05 -4.12 21.53
N THR A 173 -1.44 -3.96 20.35
CA THR A 173 -0.45 -2.90 20.15
C THR A 173 -1.05 -1.53 20.50
N LEU A 174 -2.29 -1.28 20.08
CA LEU A 174 -2.92 0.02 20.24
C LEU A 174 -3.69 0.20 21.55
N GLY A 175 -3.91 -0.86 22.32
CA GLY A 175 -4.87 -0.77 23.41
C GLY A 175 -6.28 -0.54 22.92
N ALA A 176 -6.66 -1.17 21.80
CA ALA A 176 -7.95 -0.91 21.14
C ALA A 176 -8.93 -1.99 21.46
N ASP A 177 -10.22 -1.65 21.42
CA ASP A 177 -11.26 -2.65 21.34
C ASP A 177 -11.17 -3.24 19.93
N LEU A 178 -11.91 -4.33 19.75
CA LEU A 178 -11.83 -5.12 18.56
C LEU A 178 -13.18 -5.63 18.17
N ILE A 179 -13.58 -5.37 16.93
CA ILE A 179 -14.78 -5.94 16.33
C ILE A 179 -14.40 -6.78 15.11
N LEU A 180 -14.86 -8.03 15.08
CA LEU A 180 -14.70 -8.92 13.94
C LEU A 180 -16.04 -8.89 13.19
N LEU A 181 -16.09 -8.07 12.15
CA LEU A 181 -17.35 -7.75 11.42
C LEU A 181 -17.51 -8.75 10.30
N SER A 182 -18.62 -9.46 10.20
CA SER A 182 -18.80 -10.44 9.13
C SER A 182 -20.29 -10.62 8.77
N ASP A 183 -20.70 -11.78 8.27
CA ASP A 183 -22.10 -12.03 7.94
C ASP A 183 -22.88 -12.70 9.09
N VAL A 184 -22.17 -13.09 10.15
CA VAL A 184 -22.84 -13.65 11.33
C VAL A 184 -23.32 -12.53 12.26
N SER A 185 -24.63 -12.28 12.24
CA SER A 185 -25.28 -11.25 13.09
C SER A 185 -25.11 -11.52 14.59
N GLY A 186 -25.30 -12.78 14.99
CA GLY A 186 -25.19 -13.17 16.39
C GLY A 186 -25.70 -14.57 16.67
N ILE A 187 -25.38 -15.04 17.87
CA ILE A 187 -25.70 -16.39 18.34
C ILE A 187 -27.02 -16.35 19.08
N LEU A 188 -27.84 -17.37 18.91
CA LEU A 188 -29.14 -17.42 19.59
C LEU A 188 -29.17 -18.49 20.70
N ASP A 189 -30.21 -18.40 21.53
CA ASP A 189 -30.77 -19.56 22.24
C ASP A 189 -32.19 -19.23 22.72
N GLN A 193 -33.77 -16.79 20.87
CA GLN A 193 -33.55 -15.60 21.68
C GLN A 193 -32.05 -15.24 21.74
N ARG A 194 -31.69 -14.10 21.13
CA ARG A 194 -30.29 -13.65 21.02
C ARG A 194 -29.49 -13.67 22.32
N ILE A 195 -28.17 -13.84 22.17
CA ILE A 195 -27.19 -13.75 23.26
C ILE A 195 -26.29 -12.54 23.03
N ALA A 196 -26.39 -11.51 23.87
CA ALA A 196 -25.62 -10.27 23.69
C ALA A 196 -24.19 -10.36 24.23
N GLU A 197 -23.99 -11.09 25.33
CA GLU A 197 -22.69 -11.34 25.96
C GLU A 197 -22.55 -12.80 26.41
N THR A 199 -19.13 -15.51 27.94
CA THR A 199 -17.71 -15.71 28.06
C THR A 199 -17.29 -16.62 26.94
N ALA A 200 -16.00 -16.64 26.68
CA ALA A 200 -15.40 -17.55 25.73
C ALA A 200 -15.66 -19.01 26.09
N GLN A 201 -15.64 -19.31 27.38
CA GLN A 201 -15.86 -20.64 27.85
C GLN A 201 -17.26 -21.11 27.61
N LYS A 202 -18.24 -20.24 27.90
CA LYS A 202 -19.64 -20.46 27.48
C LYS A 202 -19.76 -20.69 25.95
N ALA A 203 -19.05 -19.91 25.14
CA ALA A 203 -19.03 -20.10 23.67
C ALA A 203 -18.47 -21.45 23.26
N GLU A 204 -17.44 -21.92 23.95
CA GLU A 204 -16.90 -23.27 23.73
C GLU A 204 -17.93 -24.33 24.10
N GLN A 205 -18.63 -24.12 25.21
CA GLN A 205 -19.66 -25.04 25.68
C GLN A 205 -20.74 -25.22 24.62
N LEU A 206 -21.26 -24.10 24.11
CA LEU A 206 -22.35 -24.13 23.14
C LEU A 206 -21.93 -24.82 21.84
N ILE A 207 -20.68 -24.63 21.42
CA ILE A 207 -20.11 -25.40 20.32
C ILE A 207 -20.09 -26.88 20.66
N ALA A 208 -19.48 -27.19 21.80
CA ALA A 208 -19.34 -28.56 22.30
C ALA A 208 -20.64 -29.34 22.30
N GLN A 209 -21.74 -28.68 22.65
CA GLN A 209 -23.04 -29.34 22.74
C GLN A 209 -23.89 -29.11 21.50
N GLY A 210 -23.29 -28.53 20.46
CA GLY A 210 -23.93 -28.46 19.14
C GLY A 210 -25.05 -27.45 19.04
N ILE A 211 -25.05 -26.45 19.92
CA ILE A 211 -26.00 -25.35 19.81
C ILE A 211 -25.48 -24.37 18.75
N ILE A 212 -24.19 -24.05 18.76
CA ILE A 212 -23.65 -23.08 17.80
C ILE A 212 -23.52 -23.70 16.41
N THR A 213 -24.50 -23.33 15.59
CA THR A 213 -24.64 -23.53 14.13
C THR A 213 -23.49 -24.23 13.37
N ASP A 214 -23.80 -25.30 12.63
CA ASP A 214 -22.79 -25.96 11.77
C ASP A 214 -21.69 -24.99 11.25
N GLY A 215 -21.84 -24.44 10.05
CA GLY A 215 -20.92 -23.40 9.59
C GLY A 215 -21.05 -22.21 10.51
N VAL A 217 -19.17 -22.01 13.82
CA VAL A 217 -18.18 -22.37 14.81
C VAL A 217 -16.85 -21.63 14.58
N VAL A 218 -16.37 -21.64 13.34
CA VAL A 218 -15.10 -20.97 12.94
C VAL A 218 -15.08 -19.49 13.31
N LYS A 219 -16.22 -18.83 13.17
CA LYS A 219 -16.30 -17.41 13.49
C LYS A 219 -16.33 -17.14 14.97
N VAL A 220 -16.91 -18.05 15.74
CA VAL A 220 -16.96 -17.88 17.18
C VAL A 220 -15.61 -18.27 17.78
N ASN A 221 -15.02 -19.34 17.25
CA ASN A 221 -13.69 -19.76 17.68
C ASN A 221 -12.68 -18.63 17.51
N ALA A 222 -12.81 -17.89 16.41
CA ALA A 222 -11.87 -16.84 16.11
C ALA A 222 -12.08 -15.68 17.10
N ALA A 223 -13.33 -15.35 17.40
CA ALA A 223 -13.57 -14.30 18.38
C ALA A 223 -13.08 -14.71 19.79
N LEU A 224 -13.20 -15.98 20.12
CA LEU A 224 -12.95 -16.40 21.47
C LEU A 224 -11.43 -16.53 21.69
N ASP A 225 -10.73 -16.95 20.63
CA ASP A 225 -9.26 -16.92 20.65
C ASP A 225 -8.70 -15.50 20.80
N ALA A 226 -9.25 -14.58 20.03
CA ALA A 226 -8.87 -13.17 20.11
C ALA A 226 -9.13 -12.64 21.51
N ALA A 227 -10.32 -12.91 22.05
CA ALA A 227 -10.66 -12.45 23.40
C ALA A 227 -9.57 -12.91 24.41
N ARG A 228 -9.20 -14.19 24.34
CA ARG A 228 -8.25 -14.78 25.29
C ARG A 228 -6.84 -14.27 25.09
N SER A 229 -6.44 -14.13 23.83
CA SER A 229 -5.16 -13.52 23.54
C SER A 229 -5.07 -12.10 24.14
N LEU A 230 -6.14 -11.32 23.97
CA LEU A 230 -6.19 -9.96 24.50
C LEU A 230 -6.38 -9.86 25.99
N GLY A 231 -7.02 -10.85 26.60
CA GLY A 231 -7.42 -10.75 27.99
C GLY A 231 -8.56 -9.75 28.22
N ARG A 232 -9.33 -9.47 27.17
CA ARG A 232 -10.49 -8.58 27.26
C ARG A 232 -11.43 -8.80 26.07
N PRO A 233 -12.65 -8.25 26.14
CA PRO A 233 -13.66 -8.72 25.19
C PRO A 233 -13.47 -8.30 23.73
N VAL A 234 -14.04 -9.10 22.84
CA VAL A 234 -14.02 -8.84 21.41
C VAL A 234 -15.46 -8.99 20.92
N ASP A 235 -15.91 -8.08 20.05
CA ASP A 235 -17.26 -8.17 19.44
C ASP A 235 -17.32 -8.92 18.10
N ILE A 236 -18.34 -9.75 17.96
CA ILE A 236 -18.81 -10.28 16.68
C ILE A 236 -20.05 -9.49 16.27
N ALA A 237 -20.13 -9.09 15.00
CA ALA A 237 -21.26 -8.30 14.51
C ALA A 237 -21.37 -8.42 13.01
N SER A 238 -22.57 -8.21 12.48
CA SER A 238 -22.81 -8.32 11.05
C SER A 238 -23.00 -6.94 10.48
N TRP A 239 -22.71 -6.81 9.20
CA TRP A 239 -23.01 -5.58 8.46
C TRP A 239 -24.47 -5.46 8.10
N ARG A 240 -25.20 -6.59 8.13
CA ARG A 240 -26.60 -6.62 7.71
C ARG A 240 -27.47 -5.49 8.26
N HIS A 241 -27.71 -5.49 9.58
CA HIS A 241 -28.46 -4.40 10.22
C HIS A 241 -27.48 -3.27 10.48
N SER A 242 -27.36 -2.42 9.47
CA SER A 242 -26.31 -1.42 9.38
C SER A 242 -26.71 -0.13 10.07
N GLU A 243 -28.00 0.08 10.26
CA GLU A 243 -28.44 1.26 10.97
C GLU A 243 -27.99 1.12 12.44
N GLN A 244 -27.66 -0.12 12.83
CA GLN A 244 -27.12 -0.42 14.17
C GLN A 244 -25.59 -0.35 14.29
N LEU A 245 -24.87 -0.20 13.18
CA LEU A 245 -23.39 -0.20 13.21
C LEU A 245 -22.78 0.99 13.97
N PRO A 246 -23.38 2.19 13.87
CA PRO A 246 -22.85 3.29 14.66
C PRO A 246 -22.92 3.05 16.17
N ALA A 247 -24.00 2.41 16.65
CA ALA A 247 -24.07 2.08 18.06
C ALA A 247 -22.96 1.08 18.44
N LEU A 248 -22.69 0.11 17.56
CA LEU A 248 -21.59 -0.84 17.77
C LEU A 248 -20.29 -0.11 17.94
N PHE A 249 -19.98 0.81 17.03
CA PHE A 249 -18.70 1.52 17.09
C PHE A 249 -18.61 2.42 18.30
N ASN A 250 -19.74 2.71 18.92
CA ASN A 250 -19.77 3.44 20.20
C ASN A 250 -19.72 2.55 21.45
N GLY A 251 -19.69 1.23 21.27
CA GLY A 251 -19.56 0.32 22.42
C GLY A 251 -20.73 -0.61 22.68
N VAL A 252 -21.81 -0.47 21.90
CA VAL A 252 -22.99 -1.29 22.15
C VAL A 252 -22.84 -2.64 21.45
N PRO A 253 -22.99 -3.74 22.21
CA PRO A 253 -22.84 -5.07 21.61
C PRO A 253 -24.08 -5.46 20.78
N ILE A 254 -24.12 -5.03 19.53
CA ILE A 254 -25.33 -5.23 18.71
C ILE A 254 -25.46 -6.68 18.24
N GLY A 255 -24.34 -7.43 18.30
CA GLY A 255 -24.30 -8.82 17.86
C GLY A 255 -24.06 -9.74 19.02
N THR A 256 -22.81 -10.09 19.26
CA THR A 256 -22.44 -10.92 20.41
C THR A 256 -21.05 -10.55 20.86
N ARG A 257 -20.94 -10.17 22.12
CA ARG A 257 -19.66 -9.90 22.74
C ARG A 257 -19.12 -11.20 23.37
N ILE A 258 -17.87 -11.55 23.09
CA ILE A 258 -17.24 -12.65 23.77
C ILE A 258 -16.35 -12.04 24.82
N SER A 259 -16.73 -12.25 26.09
CA SER A 259 -15.95 -11.75 27.21
C SER A 259 -14.92 -12.74 27.67
N VAL A 260 -13.98 -12.20 28.43
CA VAL A 260 -12.98 -12.97 29.12
C VAL A 260 -12.73 -12.26 30.46
N ALA B 3 22.81 19.21 0.43
CA ALA B 3 21.46 19.61 -0.05
C ALA B 3 20.43 19.37 1.05
N ASN B 5 16.84 20.65 0.92
CA ASN B 5 15.54 20.37 0.30
C ASN B 5 15.09 18.86 0.39
N PRO B 6 13.77 18.60 0.47
CA PRO B 6 13.30 17.22 0.30
C PRO B 6 13.61 16.73 -1.10
N LEU B 7 13.81 15.42 -1.24
CA LEU B 7 14.23 14.82 -2.52
C LEU B 7 13.33 13.66 -2.90
N VAL B 8 12.74 13.73 -4.10
CA VAL B 8 11.97 12.61 -4.63
C VAL B 8 12.89 11.82 -5.55
N ILE B 9 13.08 10.54 -5.23
CA ILE B 9 13.84 9.62 -6.13
C ILE B 9 12.86 8.71 -6.90
N LYS B 10 12.77 8.89 -8.20
CA LYS B 10 11.86 8.10 -8.99
C LYS B 10 12.56 6.89 -9.59
N LEU B 11 12.06 5.70 -9.32
CA LEU B 11 12.67 4.47 -9.82
C LEU B 11 12.08 4.03 -11.15
N GLY B 12 12.96 3.85 -12.13
CA GLY B 12 12.57 3.37 -13.42
C GLY B 12 12.39 1.88 -13.37
N GLY B 13 11.75 1.33 -14.37
CA GLY B 13 11.38 -0.06 -14.34
C GLY B 13 12.51 -1.01 -14.02
N VAL B 14 13.59 -0.96 -14.79
CA VAL B 14 14.71 -1.90 -14.61
C VAL B 14 15.19 -2.10 -13.15
N LEU B 15 15.07 -1.06 -12.33
CA LEU B 15 15.43 -1.12 -10.93
C LEU B 15 14.64 -2.17 -10.20
N LEU B 16 13.32 -2.20 -10.44
CA LEU B 16 12.43 -3.14 -9.74
C LEU B 16 12.59 -4.55 -10.30
N ASP B 17 13.16 -4.68 -11.48
CA ASP B 17 13.21 -5.97 -12.10
C ASP B 17 14.41 -6.79 -11.70
N SER B 18 15.23 -6.34 -10.77
CA SER B 18 16.55 -6.94 -10.61
C SER B 18 17.10 -6.74 -9.19
N GLU B 19 17.41 -7.85 -8.54
CA GLU B 19 17.84 -7.83 -7.16
C GLU B 19 19.20 -7.18 -7.02
N GLU B 20 20.03 -7.32 -8.04
CA GLU B 20 21.30 -6.61 -8.06
C GLU B 20 21.06 -5.09 -8.04
N ALA B 21 20.15 -4.61 -8.88
CA ALA B 21 19.88 -3.20 -8.95
C ALA B 21 19.27 -2.75 -7.64
N LEU B 22 18.31 -3.50 -7.08
CA LEU B 22 17.74 -3.09 -5.80
C LEU B 22 18.80 -3.08 -4.69
N GLU B 23 19.68 -4.07 -4.67
CA GLU B 23 20.71 -4.11 -3.63
C GLU B 23 21.62 -2.88 -3.78
N ARG B 24 21.99 -2.53 -5.00
CA ARG B 24 22.80 -1.33 -5.17
C ARG B 24 22.03 -0.10 -4.72
N LEU B 25 20.78 0.05 -5.12
CA LEU B 25 20.01 1.22 -4.74
C LEU B 25 19.95 1.33 -3.23
N PHE B 26 19.60 0.25 -2.55
CA PHE B 26 19.42 0.30 -1.11
C PHE B 26 20.72 0.41 -0.36
N THR B 27 21.80 -0.15 -0.89
CA THR B 27 23.09 0.02 -0.23
C THR B 27 23.44 1.50 -0.30
N ALA B 28 23.07 2.15 -1.41
CA ALA B 28 23.38 3.55 -1.59
C ALA B 28 22.55 4.38 -0.61
N LEU B 29 21.28 4.03 -0.45
CA LEU B 29 20.42 4.76 0.47
C LEU B 29 20.97 4.69 1.88
N VAL B 30 21.39 3.49 2.32
CA VAL B 30 21.99 3.33 3.66
C VAL B 30 23.25 4.17 3.73
N THR B 31 24.12 4.05 2.73
CA THR B 31 25.36 4.85 2.75
C THR B 31 25.02 6.32 2.88
N TYR B 32 24.05 6.80 2.12
CA TYR B 32 23.72 8.22 2.17
C TYR B 32 23.14 8.63 3.55
N ARG B 33 22.24 7.83 4.10
CA ARG B 33 21.63 8.18 5.40
C ARG B 33 22.55 8.08 6.61
N GLU B 34 23.67 7.37 6.47
CA GLU B 34 24.70 7.40 7.48
C GLU B 34 25.19 8.82 7.70
N LYS B 35 25.43 9.56 6.62
CA LYS B 35 26.00 10.90 6.74
C LYS B 35 25.03 12.05 6.57
N HIS B 36 23.85 11.80 6.05
CA HIS B 36 22.99 12.90 5.64
C HIS B 36 21.54 12.61 6.02
N GLU B 37 20.79 13.64 6.32
CA GLU B 37 19.46 13.46 6.86
C GLU B 37 18.43 14.16 6.01
N ARG B 38 18.72 14.45 4.76
CA ARG B 38 17.75 15.20 3.98
C ARG B 38 16.52 14.32 3.74
N PRO B 39 15.31 14.88 3.88
CA PRO B 39 14.10 14.05 3.67
C PRO B 39 14.05 13.42 2.26
N LEU B 40 13.94 12.08 2.23
CA LEU B 40 13.92 11.30 1.03
C LEU B 40 12.56 10.64 0.82
N VAL B 41 12.06 10.66 -0.40
CA VAL B 41 10.80 10.00 -0.76
C VAL B 41 11.10 9.14 -1.99
N ILE B 42 10.67 7.88 -2.02
CA ILE B 42 10.83 7.05 -3.22
C ILE B 42 9.53 7.07 -4.01
N HIS B 44 7.64 5.17 -7.45
CA HIS B 44 7.90 4.07 -8.38
C HIS B 44 6.66 3.70 -9.16
N GLY B 45 6.93 3.08 -10.29
CA GLY B 45 5.88 2.53 -11.11
C GLY B 45 5.88 1.03 -11.09
N GLY B 46 5.50 0.46 -12.20
CA GLY B 46 5.50 -0.97 -12.30
C GLY B 46 6.82 -1.35 -12.91
N GLY B 47 7.02 -2.62 -13.15
CA GLY B 47 8.17 -3.03 -13.93
C GLY B 47 7.70 -4.17 -14.75
N CYS B 48 8.62 -5.01 -15.12
CA CYS B 48 8.31 -6.27 -15.73
C CYS B 48 7.09 -7.00 -15.16
N LEU B 49 6.90 -6.94 -13.84
CA LEU B 49 5.89 -7.77 -13.19
C LEU B 49 4.46 -7.48 -13.59
N VAL B 50 4.13 -6.29 -13.99
CA VAL B 50 2.78 -6.09 -14.51
C VAL B 50 2.58 -6.89 -15.80
N ASP B 51 3.54 -6.78 -16.71
CA ASP B 51 3.39 -7.45 -18.01
C ASP B 51 3.51 -8.99 -17.93
N GLU B 52 4.40 -9.48 -17.06
CA GLU B 52 4.38 -10.89 -16.66
C GLU B 52 2.98 -11.32 -16.23
N LEU B 53 2.35 -10.52 -15.40
CA LEU B 53 1.06 -10.93 -14.87
C LEU B 53 -0.03 -10.87 -15.94
N LYS B 55 0.45 -11.42 -19.09
CA LYS B 55 0.69 -12.59 -19.93
C LYS B 55 0.16 -13.84 -19.25
N ARG B 56 0.40 -13.98 -17.96
CA ARG B 56 -0.13 -15.12 -17.23
C ARG B 56 -1.63 -15.19 -17.28
N LEU B 57 -2.32 -14.06 -17.34
CA LEU B 57 -3.78 -14.07 -17.36
C LEU B 57 -4.31 -13.92 -18.78
N ALA B 58 -3.42 -14.00 -19.76
CA ALA B 58 -3.76 -13.81 -21.16
C ALA B 58 -4.57 -12.54 -21.40
N LEU B 59 -4.16 -11.45 -20.75
CA LEU B 59 -4.82 -10.14 -20.92
C LEU B 59 -4.05 -9.31 -21.93
N PRO B 60 -4.77 -8.58 -22.80
CA PRO B 60 -4.14 -7.79 -23.85
C PRO B 60 -3.37 -6.62 -23.33
N VAL B 61 -2.37 -6.19 -24.09
CA VAL B 61 -1.54 -5.05 -23.72
C VAL B 61 -1.47 -4.05 -24.87
N VAL B 62 -1.78 -2.80 -24.60
CA VAL B 62 -1.59 -1.72 -25.56
C VAL B 62 -0.89 -0.60 -24.84
N LYS B 63 0.36 -0.33 -25.23
CA LYS B 63 1.09 0.78 -24.69
C LYS B 63 1.49 1.67 -25.82
N LYS B 64 1.25 2.96 -25.64
CA LYS B 64 1.52 3.96 -26.65
C LYS B 64 1.80 5.26 -25.90
N ASN B 65 2.76 6.03 -26.43
CA ASN B 65 3.00 7.37 -25.94
C ASN B 65 3.26 7.38 -24.46
N GLY B 66 3.92 6.36 -23.95
CA GLY B 66 4.19 6.29 -22.50
C GLY B 66 3.04 5.85 -21.64
N LEU B 67 1.90 5.52 -22.26
CA LEU B 67 0.69 5.14 -21.49
C LEU B 67 0.17 3.74 -21.86
N ARG B 68 -0.30 3.00 -20.86
CA ARG B 68 -0.89 1.68 -21.04
C ARG B 68 -2.39 1.90 -21.00
N VAL B 69 -3.08 1.52 -22.07
CA VAL B 69 -4.55 1.53 -22.05
C VAL B 69 -4.92 0.61 -20.91
N THR B 70 -5.66 1.09 -19.91
CA THR B 70 -5.95 0.32 -18.71
C THR B 70 -7.46 0.09 -18.55
N PRO B 71 -7.95 -0.99 -19.15
CA PRO B 71 -9.38 -1.27 -19.10
C PRO B 71 -9.92 -1.62 -17.69
N ALA B 72 -11.22 -1.37 -17.54
CA ALA B 72 -11.96 -1.64 -16.30
C ALA B 72 -11.59 -3.03 -15.71
N ASP B 73 -11.43 -4.04 -16.58
CA ASP B 73 -11.17 -5.40 -16.14
C ASP B 73 -9.70 -5.70 -15.91
N GLN B 74 -8.84 -4.69 -15.94
CA GLN B 74 -7.41 -4.82 -15.66
C GLN B 74 -6.94 -3.94 -14.47
N ILE B 75 -7.70 -2.88 -14.16
CA ILE B 75 -7.20 -1.88 -13.20
C ILE B 75 -6.97 -2.48 -11.81
N ASP B 76 -7.82 -3.41 -11.38
CA ASP B 76 -7.64 -4.01 -10.06
C ASP B 76 -6.38 -4.88 -9.99
N ILE B 77 -6.17 -5.65 -11.05
CA ILE B 77 -5.00 -6.49 -11.13
C ILE B 77 -3.78 -5.62 -11.19
N ILE B 78 -3.82 -4.56 -11.99
CA ILE B 78 -2.67 -3.69 -12.11
C ILE B 78 -2.38 -3.00 -10.78
N THR B 79 -3.42 -2.57 -10.07
CA THR B 79 -3.27 -1.94 -8.77
C THR B 79 -2.62 -2.90 -7.80
N GLY B 80 -3.01 -4.18 -7.93
CA GLY B 80 -2.39 -5.23 -7.14
C GLY B 80 -0.89 -5.33 -7.39
N ALA B 81 -0.51 -5.40 -8.65
CA ALA B 81 0.93 -5.53 -8.98
C ALA B 81 1.70 -4.29 -8.59
N LEU B 82 1.14 -3.10 -8.79
CA LEU B 82 1.91 -1.88 -8.52
C LEU B 82 1.85 -1.48 -7.06
N ALA B 83 0.62 -1.23 -6.57
CA ALA B 83 0.42 -0.72 -5.22
C ALA B 83 0.71 -1.81 -4.20
N GLY B 84 0.59 -3.06 -4.63
CA GLY B 84 0.76 -4.20 -3.77
C GLY B 84 2.16 -4.76 -3.85
N THR B 85 2.41 -5.60 -4.86
CA THR B 85 3.63 -6.37 -4.95
C THR B 85 4.87 -5.51 -5.08
N ALA B 86 4.85 -4.54 -5.99
CA ALA B 86 6.00 -3.68 -6.20
C ALA B 86 6.30 -2.85 -4.93
N ASN B 87 5.27 -2.23 -4.39
CA ASN B 87 5.41 -1.34 -3.27
C ASN B 87 5.89 -2.08 -2.07
N LYS B 88 5.33 -3.28 -1.86
CA LYS B 88 5.67 -4.04 -0.68
C LYS B 88 7.02 -4.73 -0.82
N THR B 89 7.38 -5.06 -2.05
CA THR B 89 8.75 -5.54 -2.32
C THR B 89 9.74 -4.46 -1.94
N LEU B 90 9.46 -3.24 -2.37
CA LEU B 90 10.37 -2.14 -2.03
C LEU B 90 10.43 -2.00 -0.53
N LEU B 91 9.27 -2.11 0.11
CA LEU B 91 9.19 -1.94 1.55
C LEU B 91 10.03 -3.02 2.25
N ALA B 92 10.00 -4.23 1.71
CA ALA B 92 10.76 -5.34 2.24
C ALA B 92 12.26 -5.09 2.09
N TRP B 93 12.65 -4.46 0.99
CA TRP B 93 14.04 -4.05 0.85
C TRP B 93 14.47 -3.03 1.91
N ALA B 94 13.56 -2.11 2.24
CA ALA B 94 13.79 -1.12 3.27
C ALA B 94 14.00 -1.79 4.64
N VAL B 95 13.09 -2.69 4.99
CA VAL B 95 13.18 -3.39 6.27
C VAL B 95 14.49 -4.15 6.37
N LYS B 96 14.78 -4.88 5.31
CA LYS B 96 16.01 -5.68 5.21
C LYS B 96 17.25 -4.80 5.37
N HIS B 97 17.12 -3.52 5.06
CA HIS B 97 18.22 -2.58 5.23
C HIS B 97 18.04 -1.63 6.44
N GLN B 98 17.02 -1.91 7.26
CA GLN B 98 16.78 -1.19 8.50
C GLN B 98 16.49 0.28 8.29
N ILE B 99 15.78 0.55 7.21
CA ILE B 99 15.27 1.86 6.90
C ILE B 99 13.80 1.80 7.26
N ASN B 100 13.38 2.65 8.19
CA ASN B 100 11.99 2.76 8.61
C ASN B 100 11.20 3.41 7.44
N ALA B 101 10.51 2.61 6.64
CA ALA B 101 9.81 3.14 5.47
C ALA B 101 8.30 2.96 5.63
N VAL B 102 7.55 3.69 4.82
CA VAL B 102 6.11 3.56 4.83
C VAL B 102 5.57 3.54 3.42
N GLY B 103 4.83 2.49 3.06
CA GLY B 103 4.28 2.37 1.73
C GLY B 103 3.04 3.24 1.59
N LEU B 104 3.02 4.07 0.58
CA LEU B 104 1.79 4.80 0.23
C LEU B 104 1.48 4.65 -1.26
N CYS B 105 0.31 5.15 -1.64
CA CYS B 105 0.03 5.42 -3.02
C CYS B 105 -0.34 6.90 -3.10
N LEU B 106 -0.71 7.37 -4.29
CA LEU B 106 -0.93 8.79 -4.54
C LEU B 106 -2.16 9.31 -3.80
N ALA B 107 -3.19 8.47 -3.67
CA ALA B 107 -4.41 8.90 -2.97
C ALA B 107 -4.22 9.11 -1.47
N ASP B 108 -3.21 8.47 -0.85
CA ASP B 108 -3.08 8.55 0.60
C ASP B 108 -2.86 9.99 1.00
N GLY B 109 -3.74 10.51 1.84
CA GLY B 109 -3.67 11.95 2.18
C GLY B 109 -3.91 12.94 1.05
N ASN B 110 -4.55 12.49 -0.02
CA ASN B 110 -4.63 13.31 -1.26
C ASN B 110 -3.25 13.93 -1.59
N THR B 111 -2.22 13.11 -1.60
CA THR B 111 -0.85 13.58 -1.81
C THR B 111 -0.66 14.10 -3.24
N VAL B 112 -1.11 13.32 -4.22
CA VAL B 112 -1.15 13.74 -5.59
C VAL B 112 -2.58 13.47 -6.09
N THR B 113 -3.24 14.53 -6.52
CA THR B 113 -4.63 14.47 -6.97
C THR B 113 -4.63 13.89 -8.37
N VAL B 114 -5.57 12.98 -8.65
CA VAL B 114 -5.67 12.46 -10.02
C VAL B 114 -7.06 12.58 -10.61
N THR B 115 -7.15 12.90 -11.88
CA THR B 115 -8.40 12.91 -12.59
C THR B 115 -8.32 11.99 -13.79
N LEU B 116 -9.46 11.72 -14.43
CA LEU B 116 -9.45 10.88 -15.61
C LEU B 116 -8.74 11.59 -16.74
N LEU B 117 -7.73 10.95 -17.32
CA LEU B 117 -6.97 11.58 -18.40
C LEU B 117 -7.81 11.62 -19.66
N ASP B 118 -8.29 10.45 -20.07
CA ASP B 118 -8.98 10.29 -21.33
C ASP B 118 -9.74 8.97 -21.36
N ALA B 119 -11.06 9.07 -21.50
CA ALA B 119 -11.97 7.92 -21.30
C ALA B 119 -11.62 6.72 -22.17
N GLU B 120 -11.03 6.99 -23.35
CA GLU B 120 -10.67 5.89 -24.22
C GLU B 120 -9.39 5.22 -23.79
N LEU B 121 -8.68 5.75 -22.80
CA LEU B 121 -7.56 5.02 -22.23
C LEU B 121 -7.99 4.15 -21.07
N GLY B 122 -9.25 4.26 -20.65
CA GLY B 122 -9.74 3.51 -19.53
C GLY B 122 -9.27 4.19 -18.25
N HIS B 123 -8.79 3.40 -17.31
CA HIS B 123 -8.48 3.90 -15.97
C HIS B 123 -7.05 4.42 -15.88
N VAL B 124 -6.78 5.49 -16.63
CA VAL B 124 -5.47 6.14 -16.62
C VAL B 124 -5.69 7.55 -16.07
N GLY B 125 -4.85 7.92 -15.09
CA GLY B 125 -5.01 9.17 -14.38
C GLY B 125 -4.09 10.29 -14.81
N LYS B 126 -4.58 11.52 -14.79
CA LYS B 126 -3.72 12.70 -14.91
C LYS B 126 -3.38 13.10 -13.49
N ALA B 127 -2.09 13.15 -13.16
CA ALA B 127 -1.62 13.64 -11.87
C ALA B 127 -1.52 15.19 -11.82
N GLN B 128 -1.79 15.75 -10.65
CA GLN B 128 -1.50 17.14 -10.35
C GLN B 128 -1.16 17.27 -8.85
N PRO B 129 -0.55 18.39 -8.47
CA PRO B 129 -0.14 18.44 -7.08
C PRO B 129 -1.35 18.44 -6.16
N GLY B 130 -1.21 17.74 -5.03
CA GLY B 130 -2.26 17.66 -4.02
C GLY B 130 -1.76 18.30 -2.74
N SER B 131 -2.01 17.63 -1.63
CA SER B 131 -1.68 18.17 -0.32
C SER B 131 -0.41 17.52 0.21
N ALA B 132 0.49 18.33 0.76
CA ALA B 132 1.76 17.84 1.28
C ALA B 132 1.64 17.33 2.71
N ALA B 133 0.51 17.56 3.36
CA ALA B 133 0.40 17.34 4.81
C ALA B 133 0.82 15.93 5.25
N LEU B 134 0.26 14.89 4.64
CA LEU B 134 0.57 13.52 5.09
C LEU B 134 2.06 13.23 5.03
N VAL B 135 2.70 13.52 3.91
CA VAL B 135 4.08 13.11 3.70
C VAL B 135 4.98 13.91 4.61
N GLN B 136 4.68 15.20 4.72
CA GLN B 136 5.41 16.07 5.61
C GLN B 136 5.35 15.54 7.05
N THR B 137 4.20 14.99 7.43
CA THR B 137 4.06 14.40 8.76
C THR B 137 4.93 13.16 8.89
N LEU B 138 4.88 12.28 7.89
CA LEU B 138 5.73 11.09 7.92
C LEU B 138 7.24 11.41 7.95
N LEU B 139 7.66 12.37 7.13
CA LEU B 139 9.06 12.79 7.04
C LEU B 139 9.51 13.38 8.33
N ALA B 140 8.70 14.27 8.91
CA ALA B 140 9.05 14.93 10.18
C ALA B 140 9.16 13.90 11.31
N ALA B 141 8.46 12.78 11.20
CA ALA B 141 8.56 11.69 12.18
C ALA B 141 9.65 10.67 11.85
N GLY B 142 10.38 10.85 10.75
CA GLY B 142 11.55 10.03 10.43
C GLY B 142 11.29 8.84 9.52
N TYR B 143 10.16 8.81 8.83
CA TYR B 143 9.86 7.70 7.93
C TYR B 143 10.23 8.11 6.53
N PRO B 145 8.89 7.61 3.08
CA PRO B 145 7.75 7.11 2.28
C PRO B 145 8.18 6.46 0.99
N ILE B 146 7.51 5.37 0.59
CA ILE B 146 7.75 4.72 -0.70
C ILE B 146 6.42 4.73 -1.41
N ILE B 147 6.32 5.51 -2.47
CA ILE B 147 5.00 5.82 -3.04
C ILE B 147 4.80 5.18 -4.42
N SER B 148 3.75 4.42 -4.58
CA SER B 148 3.39 3.88 -5.87
C SER B 148 2.58 4.87 -6.70
N SER B 149 2.50 4.61 -7.99
CA SER B 149 1.92 5.50 -8.94
C SER B 149 0.46 5.14 -9.22
N ILE B 150 -0.23 4.59 -8.24
CA ILE B 150 -1.68 4.39 -8.33
C ILE B 150 -2.39 5.50 -7.55
N GLY B 151 -3.44 6.07 -8.13
CA GLY B 151 -4.19 7.14 -7.53
C GLY B 151 -5.67 6.79 -7.49
N ILE B 152 -6.47 7.67 -6.92
CA ILE B 152 -7.90 7.47 -6.84
C ILE B 152 -8.58 8.81 -7.11
N THR B 153 -9.58 8.81 -8.00
CA THR B 153 -10.30 10.05 -8.33
C THR B 153 -11.17 10.41 -7.15
N VAL B 154 -11.63 11.64 -7.10
CA VAL B 154 -12.51 12.07 -6.01
C VAL B 154 -13.79 11.20 -5.96
N GLU B 155 -14.16 10.56 -7.08
CA GLU B 155 -15.37 9.73 -7.15
C GLU B 155 -15.12 8.28 -6.74
N GLY B 156 -13.87 7.98 -6.37
CA GLY B 156 -13.52 6.66 -5.85
C GLY B 156 -13.09 5.65 -6.90
N GLN B 157 -12.59 6.10 -8.05
CA GLN B 157 -12.11 5.16 -9.09
C GLN B 157 -10.60 5.03 -9.03
N LEU B 158 -10.12 3.79 -9.15
CA LEU B 158 -8.70 3.52 -9.16
C LEU B 158 -8.12 3.94 -10.51
N ASN B 160 -4.42 4.18 -12.87
CA ASN B 160 -3.06 3.87 -13.25
C ASN B 160 -2.45 5.16 -13.80
N VAL B 161 -1.41 5.63 -13.13
CA VAL B 161 -0.77 6.88 -13.48
C VAL B 161 0.70 6.69 -13.90
N ASN B 162 1.10 7.37 -14.96
CA ASN B 162 2.50 7.44 -15.40
C ASN B 162 3.39 7.89 -14.24
N ALA B 163 4.32 7.03 -13.85
CA ALA B 163 5.20 7.29 -12.71
C ALA B 163 6.05 8.57 -12.87
N ASP B 164 6.46 8.93 -14.08
CA ASP B 164 7.23 10.18 -14.27
C ASP B 164 6.40 11.43 -13.96
N GLN B 165 5.22 11.51 -14.56
CA GLN B 165 4.27 12.57 -14.22
C GLN B 165 3.88 12.55 -12.73
N ALA B 166 3.60 11.38 -12.15
CA ALA B 166 3.29 11.35 -10.71
C ALA B 166 4.48 11.90 -9.88
N ALA B 167 5.70 11.54 -10.28
CA ALA B 167 6.91 12.03 -9.58
C ALA B 167 6.98 13.57 -9.61
N THR B 168 6.71 14.14 -10.78
CA THR B 168 6.62 15.57 -10.92
C THR B 168 5.53 16.21 -10.00
N ALA B 169 4.29 15.72 -10.10
CA ALA B 169 3.24 16.21 -9.20
C ALA B 169 3.71 16.10 -7.74
N LEU B 170 4.37 15.01 -7.39
CA LEU B 170 4.79 14.81 -6.01
C LEU B 170 5.81 15.86 -5.57
N ALA B 171 6.85 16.01 -6.39
CA ALA B 171 7.92 16.95 -6.14
C ALA B 171 7.38 18.36 -5.96
N ALA B 172 6.42 18.72 -6.79
CA ALA B 172 5.79 20.04 -6.74
C ALA B 172 5.05 20.21 -5.42
N THR B 173 4.35 19.16 -5.02
CA THR B 173 3.60 19.20 -3.79
C THR B 173 4.55 19.38 -2.62
N LEU B 174 5.69 18.70 -2.68
CA LEU B 174 6.64 18.66 -1.54
C LEU B 174 7.66 19.81 -1.51
N GLY B 175 7.69 20.61 -2.56
CA GLY B 175 8.80 21.56 -2.74
C GLY B 175 10.13 20.81 -2.91
N ALA B 176 10.08 19.61 -3.46
CA ALA B 176 11.23 18.69 -3.48
C ALA B 176 12.05 18.77 -4.78
N ASP B 177 13.33 18.40 -4.70
CA ASP B 177 14.12 18.10 -5.89
C ASP B 177 13.70 16.73 -6.44
N LEU B 178 14.09 16.45 -7.69
CA LEU B 178 13.66 15.25 -8.40
C LEU B 178 14.80 14.58 -9.16
N ILE B 179 14.92 13.26 -8.98
CA ILE B 179 15.90 12.45 -9.69
C ILE B 179 15.14 11.38 -10.42
N LEU B 180 15.38 11.23 -11.72
CA LEU B 180 14.75 10.16 -12.46
C LEU B 180 15.86 9.13 -12.64
N LEU B 181 15.75 8.02 -11.92
CA LEU B 181 16.80 7.01 -11.91
C LEU B 181 16.35 5.90 -12.85
N SER B 182 17.16 5.51 -13.83
CA SER B 182 16.80 4.45 -14.79
C SER B 182 18.09 3.90 -15.33
N ASP B 183 18.05 3.29 -16.52
CA ASP B 183 19.30 2.85 -17.18
C ASP B 183 20.01 3.93 -17.91
N VAL B 184 19.34 5.04 -18.16
CA VAL B 184 19.94 6.17 -18.83
C VAL B 184 20.85 6.95 -17.82
N SER B 185 22.14 7.01 -18.12
CA SER B 185 23.15 7.67 -17.26
C SER B 185 23.21 9.18 -17.40
N GLY B 186 22.77 9.73 -18.52
CA GLY B 186 22.96 11.14 -18.87
C GLY B 186 22.71 11.31 -20.36
N ILE B 187 22.83 12.52 -20.86
CA ILE B 187 22.67 12.78 -22.27
C ILE B 187 24.06 13.03 -22.85
N LEU B 188 24.29 12.47 -24.02
CA LEU B 188 25.53 12.59 -24.76
C LEU B 188 25.44 13.76 -25.78
N ASP B 189 26.57 14.44 -25.97
CA ASP B 189 26.69 15.66 -26.77
C ASP B 189 27.19 15.42 -28.17
N GLY B 190 27.22 14.17 -28.58
CA GLY B 190 27.54 13.98 -30.03
C GLY B 190 28.98 14.27 -30.41
N LYS B 191 29.82 14.52 -29.42
CA LYS B 191 31.18 13.99 -29.42
C LYS B 191 31.11 12.70 -28.59
N GLY B 192 29.90 12.32 -28.16
CA GLY B 192 29.66 11.13 -27.36
C GLY B 192 29.91 11.34 -25.88
N GLN B 193 30.03 12.60 -25.47
CA GLN B 193 30.36 12.94 -24.08
C GLN B 193 29.13 13.32 -23.29
N ARG B 194 29.20 13.02 -22.01
CA ARG B 194 28.13 13.25 -21.06
C ARG B 194 28.06 14.73 -20.73
N ILE B 195 26.86 15.29 -20.78
CA ILE B 195 26.67 16.66 -20.40
C ILE B 195 26.21 16.71 -18.95
N ALA B 196 27.00 17.36 -18.10
CA ALA B 196 26.67 17.44 -16.67
C ALA B 196 25.44 18.31 -16.44
N GLU B 197 25.36 19.44 -17.13
CA GLU B 197 24.29 20.40 -16.94
C GLU B 197 23.77 20.84 -18.28
N THR B 199 20.68 22.85 -20.44
CA THR B 199 19.48 23.66 -20.46
C THR B 199 18.53 23.14 -21.53
N ALA B 200 17.29 23.63 -21.51
CA ALA B 200 16.34 23.44 -22.61
C ALA B 200 16.92 23.88 -23.94
N GLN B 201 17.62 25.01 -23.97
CA GLN B 201 18.15 25.50 -25.24
C GLN B 201 19.15 24.52 -25.81
N LYS B 202 20.04 24.02 -24.95
CA LYS B 202 21.02 23.04 -25.40
C LYS B 202 20.30 21.78 -25.95
N ALA B 203 19.31 21.26 -25.20
CA ALA B 203 18.51 20.13 -25.67
C ALA B 203 17.93 20.34 -27.08
N GLU B 204 17.20 21.44 -27.32
CA GLU B 204 16.71 21.75 -28.68
C GLU B 204 17.81 21.73 -29.71
N GLN B 205 18.91 22.37 -29.41
CA GLN B 205 20.01 22.37 -30.35
C GLN B 205 20.35 20.91 -30.71
N LEU B 206 20.45 20.06 -29.69
CA LEU B 206 20.88 18.68 -29.91
C LEU B 206 19.86 17.86 -30.71
N ILE B 207 18.58 18.10 -30.44
CA ILE B 207 17.50 17.48 -31.20
C ILE B 207 17.47 18.02 -32.63
N ALA B 208 17.56 19.33 -32.81
CA ALA B 208 17.49 19.93 -34.16
C ALA B 208 18.61 19.37 -35.03
N GLN B 209 19.78 19.21 -34.42
CA GLN B 209 20.95 18.69 -35.10
C GLN B 209 20.99 17.18 -35.24
N GLY B 210 20.04 16.46 -34.64
CA GLY B 210 19.96 15.05 -34.81
C GLY B 210 20.98 14.25 -34.01
N ILE B 211 21.43 14.81 -32.90
CA ILE B 211 22.35 14.15 -31.99
C ILE B 211 21.56 13.36 -30.92
N ILE B 212 20.59 14.01 -30.29
CA ILE B 212 19.53 13.37 -29.49
C ILE B 212 18.42 12.96 -30.46
N THR B 213 18.14 11.67 -30.55
CA THR B 213 17.23 11.15 -31.57
C THR B 213 16.24 10.16 -30.96
N ASP B 214 15.12 9.87 -31.63
CA ASP B 214 14.25 8.70 -31.24
C ASP B 214 13.80 8.66 -29.79
N GLY B 215 14.25 7.65 -29.08
CA GLY B 215 13.82 7.36 -27.73
C GLY B 215 14.44 8.34 -26.76
N VAL B 217 14.78 11.38 -27.37
CA VAL B 217 13.96 12.56 -27.47
C VAL B 217 12.83 12.51 -26.46
N VAL B 218 12.15 11.37 -26.45
CA VAL B 218 11.06 11.15 -25.50
C VAL B 218 11.60 11.29 -24.06
N LYS B 219 12.75 10.67 -23.76
CA LYS B 219 13.27 10.70 -22.40
C LYS B 219 13.63 12.13 -22.02
N VAL B 220 14.37 12.81 -22.89
CA VAL B 220 14.76 14.19 -22.65
C VAL B 220 13.53 15.08 -22.48
N ASN B 221 12.47 14.89 -23.28
CA ASN B 221 11.25 15.69 -23.09
C ASN B 221 10.53 15.43 -21.76
N ALA B 222 10.64 14.23 -21.24
CA ALA B 222 9.99 13.89 -20.00
C ALA B 222 10.70 14.62 -18.88
N ALA B 223 12.03 14.66 -18.94
CA ALA B 223 12.83 15.43 -18.01
C ALA B 223 12.54 16.96 -18.12
N LEU B 224 12.52 17.49 -19.33
CA LEU B 224 12.25 18.90 -19.50
C LEU B 224 10.83 19.29 -19.00
N ASP B 225 9.84 18.46 -19.30
CA ASP B 225 8.48 18.70 -18.82
C ASP B 225 8.43 18.68 -17.31
N ALA B 226 9.17 17.75 -16.70
CA ALA B 226 9.37 17.73 -15.24
C ALA B 226 9.96 19.07 -14.76
N ALA B 227 11.11 19.47 -15.32
CA ALA B 227 11.78 20.72 -14.88
C ALA B 227 10.92 21.98 -15.06
N ARG B 228 10.13 22.03 -16.12
CA ARG B 228 9.25 23.18 -16.35
C ARG B 228 8.14 23.25 -15.35
N SER B 229 7.53 22.11 -15.04
CA SER B 229 6.48 22.10 -14.03
C SER B 229 7.03 22.53 -12.70
N LEU B 230 8.15 21.94 -12.32
CA LEU B 230 8.70 22.21 -11.01
C LEU B 230 9.32 23.58 -10.94
N GLY B 231 9.69 24.15 -12.08
CA GLY B 231 10.39 25.43 -12.09
C GLY B 231 11.77 25.34 -11.44
N ARG B 232 12.37 24.15 -11.43
CA ARG B 232 13.75 23.99 -11.03
C ARG B 232 14.36 22.74 -11.68
N PRO B 233 15.68 22.58 -11.59
CA PRO B 233 16.24 21.49 -12.35
C PRO B 233 15.89 20.08 -11.85
N VAL B 234 16.09 19.13 -12.74
CA VAL B 234 15.79 17.72 -12.54
C VAL B 234 17.03 16.94 -12.97
N ASP B 235 17.49 16.01 -12.13
CA ASP B 235 18.61 15.13 -12.46
C ASP B 235 18.16 13.83 -13.13
N ILE B 236 18.91 13.40 -14.14
CA ILE B 236 18.78 12.09 -14.81
C ILE B 236 20.04 11.33 -14.41
N ALA B 237 19.92 10.08 -13.92
CA ALA B 237 21.08 9.24 -13.63
C ALA B 237 20.76 7.77 -13.71
N SER B 238 21.81 6.96 -13.86
CA SER B 238 21.73 5.51 -13.86
C SER B 238 22.06 4.96 -12.48
N TRP B 239 21.55 3.76 -12.21
CA TRP B 239 21.80 3.04 -10.96
C TRP B 239 23.14 2.27 -10.98
N ARG B 240 23.80 2.24 -12.13
CA ARG B 240 24.94 1.34 -12.34
C ARG B 240 26.18 1.55 -11.46
N HIS B 241 26.68 2.79 -11.48
CA HIS B 241 27.84 3.15 -10.67
C HIS B 241 27.30 3.61 -9.35
N SER B 242 26.91 2.64 -8.53
CA SER B 242 26.14 2.95 -7.36
C SER B 242 27.01 3.57 -6.26
N GLU B 243 28.33 3.41 -6.36
CA GLU B 243 29.23 4.16 -5.50
C GLU B 243 29.05 5.68 -5.68
N GLN B 244 28.53 6.13 -6.82
CA GLN B 244 28.29 7.55 -7.03
C GLN B 244 26.93 8.02 -6.55
N LEU B 245 26.06 7.11 -6.18
CA LEU B 245 24.69 7.52 -5.90
C LEU B 245 24.53 8.35 -4.61
N PRO B 246 25.27 8.01 -3.55
CA PRO B 246 25.22 8.89 -2.39
C PRO B 246 25.50 10.34 -2.76
N ALA B 247 26.55 10.58 -3.54
CA ALA B 247 26.89 11.94 -3.95
C ALA B 247 25.72 12.55 -4.71
N LEU B 248 25.14 11.80 -5.65
CA LEU B 248 23.93 12.25 -6.34
C LEU B 248 22.86 12.65 -5.33
N PHE B 249 22.65 11.84 -4.30
CA PHE B 249 21.56 12.13 -3.35
C PHE B 249 21.91 13.33 -2.48
N ASN B 250 23.20 13.62 -2.40
CA ASN B 250 23.66 14.79 -1.72
C ASN B 250 23.76 15.99 -2.67
N GLY B 251 23.11 15.94 -3.85
CA GLY B 251 23.08 17.08 -4.77
C GLY B 251 24.11 17.16 -5.91
N VAL B 252 25.05 16.22 -6.02
CA VAL B 252 26.05 16.30 -7.09
C VAL B 252 25.44 15.73 -8.36
N PRO B 253 25.50 16.47 -9.47
CA PRO B 253 24.87 15.91 -10.67
C PRO B 253 25.80 14.92 -11.37
N ILE B 254 25.63 13.64 -11.08
CA ILE B 254 26.55 12.60 -11.56
C ILE B 254 26.15 12.15 -12.95
N GLY B 255 24.93 12.51 -13.37
CA GLY B 255 24.44 12.16 -14.70
C GLY B 255 24.30 13.39 -15.57
N THR B 256 23.05 13.80 -15.83
CA THR B 256 22.81 15.06 -16.48
C THR B 256 21.76 15.81 -15.69
N ARG B 257 22.08 17.04 -15.28
CA ARG B 257 21.09 17.94 -14.69
C ARG B 257 20.41 18.79 -15.81
N ILE B 258 19.08 18.83 -15.78
CA ILE B 258 18.29 19.43 -16.84
C ILE B 258 17.55 20.66 -16.31
N SER B 259 17.64 21.79 -16.99
CA SER B 259 16.91 22.96 -16.53
C SER B 259 16.25 23.78 -17.62
N VAL B 260 15.48 24.78 -17.19
CA VAL B 260 14.96 25.90 -18.03
C VAL B 260 13.60 25.52 -18.60
#